data_6BZ4
#
_entry.id   6BZ4
#
_cell.length_a   49.324
_cell.length_b   79.502
_cell.length_c   138.221
_cell.angle_alpha   90.00
_cell.angle_beta   90.00
_cell.angle_gamma   90.00
#
_symmetry.space_group_name_H-M   'P 21 21 21'
#
loop_
_entity.id
_entity.type
_entity.pdbx_description
1 polymer 'Immunoglobulin gamma-1 heavy chain'
2 branched 2-acetamido-2-deoxy-beta-D-glucopyranose-(1-2)-alpha-D-mannopyranose-(1-6)-[alpha-D-mannopyranose-(1-3)]beta-D-mannopyranose-(1-4)-2-acetamido-2-deoxy-beta-D-glucopyranose-(1-4)-[alpha-L-fucopyranose-(1-6)]2-acetamido-2-deoxy-beta-D-glucopyranose
3 branched 2-acetamido-2-deoxy-beta-D-glucopyranose-(1-2)-alpha-D-mannopyranose-(1-6)-[alpha-D-mannopyranose-(1-3)]beta-D-mannopyranose-(1-4)-2-acetamido-2-deoxy-beta-D-glucopyranose-(1-4)-2-acetamido-2-deoxy-beta-D-glucopyranose
4 non-polymer 1,2-ETHANEDIOL
5 water water
#
_entity_poly.entity_id   1
_entity_poly.type   'polypeptide(L)'
_entity_poly.pdbx_seq_one_letter_code
;GPSVFLFPPKPKDTLMISRTPEVTCVVVDVSHEDPEVKFNWYVDGVEVHNAKTKPREEQYNSTYRVVSVLTVLHQDWLNG
KEYKCAVSNKALPAPIEKTISKAKGQPREPQVYTLPPSRDELTKNQVSLTCLVKGFYPSDIAVEWESNGQPENNYKTTPP
VLDSDGSFFLYSKLTVDKSRWQQGNVFSCSVMHEALHNHYTQKSLSLS
;
_entity_poly.pdbx_strand_id   A,B
#
loop_
_chem_comp.id
_chem_comp.type
_chem_comp.name
_chem_comp.formula
BMA D-saccharide, beta linking beta-D-mannopyranose 'C6 H12 O6'
EDO non-polymer 1,2-ETHANEDIOL 'C2 H6 O2'
FUC L-saccharide, alpha linking alpha-L-fucopyranose 'C6 H12 O5'
MAN D-saccharide, alpha linking alpha-D-mannopyranose 'C6 H12 O6'
NAG D-saccharide, beta linking 2-acetamido-2-deoxy-beta-D-glucopyranose 'C8 H15 N O6'
#
# COMPACT_ATOMS: atom_id res chain seq x y z
N GLY A 1 -11.29 -11.93 -24.85
CA GLY A 1 -9.99 -12.07 -25.47
C GLY A 1 -8.87 -12.17 -24.46
N PRO A 2 -7.65 -12.47 -24.93
CA PRO A 2 -6.52 -12.64 -24.00
C PRO A 2 -6.18 -11.34 -23.28
N SER A 3 -5.45 -11.50 -22.17
CA SER A 3 -4.93 -10.38 -21.39
C SER A 3 -3.44 -10.60 -21.17
N VAL A 4 -2.72 -9.49 -21.00
CA VAL A 4 -1.26 -9.51 -20.86
C VAL A 4 -0.88 -8.72 -19.61
N PHE A 5 0.06 -9.28 -18.84
CA PHE A 5 0.58 -8.64 -17.64
C PHE A 5 2.10 -8.70 -17.67
N LEU A 6 2.73 -7.55 -17.44
CA LEU A 6 4.18 -7.42 -17.54
C LEU A 6 4.73 -7.02 -16.18
N PHE A 7 5.62 -7.84 -15.63
CA PHE A 7 6.13 -7.65 -14.27
C PHE A 7 7.59 -7.23 -14.31
N PRO A 8 7.99 -6.26 -13.51
CA PRO A 8 9.39 -5.84 -13.51
C PRO A 8 10.22 -6.81 -12.68
N PRO A 9 11.55 -6.66 -12.67
CA PRO A 9 12.34 -7.48 -11.77
C PRO A 9 12.18 -7.01 -10.33
N LYS A 10 12.54 -7.89 -9.41
CA LYS A 10 12.53 -7.52 -8.01
C LYS A 10 13.65 -6.51 -7.73
N PRO A 11 13.39 -5.52 -6.87
CA PRO A 11 14.45 -4.52 -6.59
C PRO A 11 15.79 -5.15 -6.25
N LYS A 12 15.78 -6.23 -5.48
CA LYS A 12 17.02 -6.84 -5.02
C LYS A 12 17.80 -7.45 -6.19
N ASP A 13 17.10 -7.91 -7.24
CA ASP A 13 17.75 -8.58 -8.34
C ASP A 13 18.58 -7.61 -9.19
N THR A 14 18.06 -6.39 -9.40
CA THR A 14 18.75 -5.40 -10.20
C THR A 14 19.91 -4.75 -9.48
N LEU A 15 19.96 -4.85 -8.14
CA LEU A 15 20.94 -4.13 -7.33
C LEU A 15 22.16 -4.98 -6.98
N MET A 16 22.09 -6.30 -7.16
CA MET A 16 23.20 -7.18 -6.84
C MET A 16 23.59 -7.93 -8.10
N ILE A 17 24.86 -7.81 -8.51
CA ILE A 17 25.31 -8.41 -9.76
C ILE A 17 25.22 -9.91 -9.72
N SER A 18 25.24 -10.50 -8.53
CA SER A 18 25.17 -11.96 -8.41
C SER A 18 23.81 -12.51 -8.84
N ARG A 19 22.76 -11.70 -8.73
CA ARG A 19 21.41 -12.15 -9.03
C ARG A 19 21.06 -11.85 -10.50
N THR A 20 19.97 -12.45 -10.96
CA THR A 20 19.54 -12.36 -12.35
C THR A 20 18.20 -11.63 -12.43
N PRO A 21 18.17 -10.36 -12.81
CA PRO A 21 16.88 -9.67 -12.96
C PRO A 21 16.19 -10.07 -14.24
N GLU A 22 14.87 -10.15 -14.19
CA GLU A 22 14.06 -10.60 -15.32
C GLU A 22 12.77 -9.80 -15.38
N VAL A 23 12.32 -9.51 -16.58
CA VAL A 23 10.97 -8.99 -16.83
C VAL A 23 10.14 -10.16 -17.34
N THR A 24 8.91 -10.27 -16.85
CA THR A 24 8.07 -11.43 -17.11
C THR A 24 6.77 -10.98 -17.78
N CYS A 25 6.48 -11.56 -18.94
CA CYS A 25 5.28 -11.26 -19.70
C CYS A 25 4.33 -12.45 -19.58
N VAL A 26 3.21 -12.24 -18.89
CA VAL A 26 2.24 -13.30 -18.62
C VAL A 26 1.01 -13.05 -19.47
N VAL A 27 0.59 -14.06 -20.22
CA VAL A 27 -0.62 -14.00 -21.03
C VAL A 27 -1.62 -14.99 -20.44
N VAL A 28 -2.78 -14.49 -20.04
CA VAL A 28 -3.86 -15.32 -19.51
C VAL A 28 -5.06 -15.20 -20.44
N ASP A 29 -6.02 -16.11 -20.26
CA ASP A 29 -7.27 -16.11 -21.02
C ASP A 29 -7.02 -16.32 -22.52
N VAL A 30 -6.16 -17.28 -22.85
CA VAL A 30 -5.97 -17.72 -24.23
C VAL A 30 -6.85 -18.94 -24.46
N SER A 31 -7.76 -18.84 -25.42
CA SER A 31 -8.81 -19.84 -25.61
C SER A 31 -8.28 -21.04 -26.40
N HIS A 32 -9.03 -22.15 -26.30
CA HIS A 32 -8.68 -23.33 -27.08
C HIS A 32 -8.78 -23.06 -28.58
N GLU A 33 -9.72 -22.22 -29.00
CA GLU A 33 -9.94 -22.00 -30.43
C GLU A 33 -8.69 -21.44 -31.11
N ASP A 34 -7.95 -20.57 -30.41
CA ASP A 34 -6.74 -19.97 -30.95
C ASP A 34 -5.66 -20.01 -29.87
N PRO A 35 -4.91 -21.12 -29.79
CA PRO A 35 -3.90 -21.25 -28.72
C PRO A 35 -2.51 -20.74 -29.08
N GLU A 36 -2.26 -20.38 -30.33
CA GLU A 36 -0.93 -19.92 -30.74
C GLU A 36 -0.74 -18.48 -30.31
N VAL A 37 0.30 -18.22 -29.52
CA VAL A 37 0.63 -16.89 -29.05
C VAL A 37 2.12 -16.68 -29.26
N LYS A 38 2.48 -15.52 -29.82
CA LYS A 38 3.88 -15.20 -30.08
C LYS A 38 4.27 -13.95 -29.32
N PHE A 39 5.49 -13.94 -28.80
CA PHE A 39 6.05 -12.82 -28.07
C PHE A 39 7.13 -12.16 -28.91
N ASN A 40 7.04 -10.83 -29.04
CA ASN A 40 8.12 -10.02 -29.58
C ASN A 40 8.58 -9.08 -28.48
N TRP A 41 9.89 -9.06 -28.24
CA TRP A 41 10.48 -8.24 -27.19
C TRP A 41 11.26 -7.09 -27.80
N TYR A 42 11.23 -5.95 -27.11
CA TYR A 42 11.94 -4.76 -27.54
C TYR A 42 12.58 -4.10 -26.34
N VAL A 43 13.79 -3.58 -26.54
CA VAL A 43 14.50 -2.80 -25.54
C VAL A 43 14.72 -1.42 -26.13
N ASP A 44 13.99 -0.43 -25.62
CA ASP A 44 14.03 0.94 -26.18
C ASP A 44 13.64 0.92 -27.65
N GLY A 45 12.70 0.05 -28.01
CA GLY A 45 12.24 -0.08 -29.37
C GLY A 45 13.05 -1.01 -30.25
N VAL A 46 14.22 -1.47 -29.78
CA VAL A 46 15.06 -2.37 -30.56
C VAL A 46 14.68 -3.80 -30.21
N GLU A 47 14.18 -4.54 -31.20
CA GLU A 47 13.73 -5.90 -30.98
C GLU A 47 14.89 -6.80 -30.56
N VAL A 48 14.69 -7.53 -29.46
CA VAL A 48 15.63 -8.54 -29.00
C VAL A 48 14.95 -9.90 -29.10
N HIS A 49 15.76 -10.96 -29.18
CA HIS A 49 15.25 -12.30 -29.38
C HIS A 49 15.86 -13.32 -28.42
N ASN A 50 16.56 -12.87 -27.38
CA ASN A 50 17.16 -13.76 -26.39
C ASN A 50 16.18 -14.15 -25.28
N ALA A 51 14.90 -13.84 -25.44
CA ALA A 51 13.89 -14.19 -24.46
C ALA A 51 13.76 -15.71 -24.34
N LYS A 52 13.01 -16.14 -23.33
CA LYS A 52 12.78 -17.55 -23.02
C LYS A 52 11.29 -17.75 -22.76
N THR A 53 10.60 -18.24 -23.79
CA THR A 53 9.18 -18.54 -23.72
C THR A 53 8.96 -19.94 -23.15
N LYS A 54 8.04 -20.05 -22.24
CA LYS A 54 7.67 -21.31 -21.61
C LYS A 54 6.47 -21.91 -22.33
N PRO A 55 6.39 -23.24 -22.44
CA PRO A 55 5.29 -23.82 -23.20
C PRO A 55 3.97 -23.71 -22.46
N ARG A 56 2.92 -23.42 -23.23
CA ARG A 56 1.62 -23.04 -22.67
C ARG A 56 1.14 -24.07 -21.67
N GLU A 57 0.52 -23.59 -20.59
CA GLU A 57 -0.03 -24.44 -19.55
C GLU A 57 -1.53 -24.20 -19.47
N GLU A 58 -2.32 -25.23 -19.73
CA GLU A 58 -3.77 -25.13 -19.59
C GLU A 58 -4.14 -24.96 -18.11
N GLN A 59 -4.93 -23.94 -17.82
CA GLN A 59 -5.42 -23.72 -16.47
C GLN A 59 -6.71 -24.50 -16.25
N TYR A 60 -7.18 -24.50 -15.00
CA TYR A 60 -8.35 -25.29 -14.64
C TYR A 60 -9.67 -24.65 -15.11
N ASN A 61 -9.63 -23.45 -15.70
CA ASN A 61 -10.81 -22.84 -16.29
C ASN A 61 -10.78 -22.89 -17.81
N SER A 62 -10.10 -23.90 -18.36
CA SER A 62 -10.09 -24.20 -19.79
C SER A 62 -9.39 -23.14 -20.63
N THR A 63 -8.53 -22.31 -20.02
CA THR A 63 -7.76 -21.31 -20.73
C THR A 63 -6.28 -21.62 -20.62
N TYR A 64 -5.52 -21.20 -21.63
CA TYR A 64 -4.08 -21.40 -21.64
C TYR A 64 -3.39 -20.18 -21.05
N ARG A 65 -2.31 -20.42 -20.32
CA ARG A 65 -1.50 -19.37 -19.71
C ARG A 65 -0.07 -19.54 -20.22
N VAL A 66 0.41 -18.56 -20.99
CA VAL A 66 1.74 -18.59 -21.57
C VAL A 66 2.58 -17.50 -20.92
N VAL A 67 3.80 -17.86 -20.52
CA VAL A 67 4.71 -16.94 -19.85
C VAL A 67 6.00 -16.86 -20.65
N SER A 68 6.52 -15.65 -20.81
CA SER A 68 7.80 -15.42 -21.47
C SER A 68 8.66 -14.57 -20.55
N VAL A 69 9.92 -14.96 -20.39
CA VAL A 69 10.85 -14.31 -19.47
C VAL A 69 12.00 -13.75 -20.27
N LEU A 70 12.36 -12.50 -19.98
CA LEU A 70 13.50 -11.84 -20.61
C LEU A 70 14.46 -11.41 -19.51
N THR A 71 15.65 -12.01 -19.49
CA THR A 71 16.70 -11.54 -18.60
C THR A 71 17.18 -10.19 -19.08
N VAL A 72 17.47 -9.30 -18.13
CA VAL A 72 17.91 -7.95 -18.43
C VAL A 72 19.23 -7.71 -17.74
N LEU A 73 20.02 -6.80 -18.30
CA LEU A 73 21.27 -6.39 -17.68
C LEU A 73 20.99 -5.40 -16.56
N HIS A 74 21.70 -5.57 -15.45
CA HIS A 74 21.48 -4.71 -14.29
C HIS A 74 21.58 -3.24 -14.66
N GLN A 75 22.57 -2.88 -15.47
CA GLN A 75 22.76 -1.48 -15.83
C GLN A 75 21.76 -1.02 -16.89
N ASP A 76 21.27 -1.92 -17.74
CA ASP A 76 20.20 -1.56 -18.66
C ASP A 76 18.96 -1.13 -17.88
N TRP A 77 18.54 -1.93 -16.90
CA TRP A 77 17.37 -1.55 -16.11
C TRP A 77 17.63 -0.26 -15.35
N LEU A 78 18.79 -0.16 -14.70
CA LEU A 78 19.09 1.03 -13.90
C LEU A 78 19.29 2.25 -14.77
N ASN A 79 19.75 2.07 -15.99
CA ASN A 79 19.86 3.17 -16.96
C ASN A 79 18.52 3.57 -17.56
N GLY A 80 17.44 2.89 -17.19
CA GLY A 80 16.10 3.32 -17.57
C GLY A 80 15.61 2.85 -18.92
N LYS A 81 16.17 1.79 -19.49
CA LYS A 81 15.67 1.29 -20.76
C LYS A 81 14.23 0.77 -20.62
N GLU A 82 13.47 0.93 -21.69
CA GLU A 82 12.10 0.44 -21.74
C GLU A 82 12.06 -0.99 -22.26
N TYR A 83 11.21 -1.81 -21.68
CA TYR A 83 11.03 -3.20 -22.09
C TYR A 83 9.59 -3.41 -22.51
N LYS A 84 9.40 -3.75 -23.80
CA LYS A 84 8.09 -3.89 -24.40
C LYS A 84 7.85 -5.34 -24.78
N CYS A 85 6.70 -5.87 -24.38
CA CYS A 85 6.28 -7.22 -24.71
C CYS A 85 5.07 -7.14 -25.65
N ALA A 86 5.27 -7.51 -26.90
CA ALA A 86 4.20 -7.54 -27.88
C ALA A 86 3.66 -8.97 -27.98
N VAL A 87 2.38 -9.14 -27.70
CA VAL A 87 1.72 -10.43 -27.69
C VAL A 87 0.76 -10.48 -28.87
N SER A 88 0.94 -11.46 -29.74
CA SER A 88 0.07 -11.67 -30.90
C SER A 88 -0.72 -12.95 -30.72
N ASN A 89 -1.99 -12.90 -31.09
CA ASN A 89 -2.90 -14.04 -30.96
C ASN A 89 -3.97 -13.90 -32.03
N LYS A 90 -4.22 -14.97 -32.77
CA LYS A 90 -5.18 -14.91 -33.88
C LYS A 90 -6.59 -14.58 -33.42
N ALA A 91 -6.88 -14.69 -32.13
CA ALA A 91 -8.18 -14.29 -31.57
C ALA A 91 -8.14 -12.88 -31.01
N LEU A 92 -7.24 -12.03 -31.51
CA LEU A 92 -7.14 -10.64 -31.10
C LEU A 92 -7.41 -9.71 -32.29
N PRO A 93 -8.08 -8.58 -32.09
CA PRO A 93 -8.24 -7.62 -33.20
C PRO A 93 -6.93 -7.04 -33.66
N ALA A 94 -5.92 -7.00 -32.78
CA ALA A 94 -4.58 -6.52 -33.10
C ALA A 94 -3.70 -6.88 -31.91
N PRO A 95 -2.39 -7.11 -32.12
CA PRO A 95 -1.54 -7.52 -31.01
C PRO A 95 -1.64 -6.57 -29.82
N ILE A 96 -1.38 -7.12 -28.63
CA ILE A 96 -1.38 -6.35 -27.39
C ILE A 96 0.07 -6.11 -26.99
N GLU A 97 0.40 -4.86 -26.71
CA GLU A 97 1.75 -4.46 -26.30
C GLU A 97 1.69 -3.83 -24.92
N LYS A 98 2.64 -4.21 -24.07
CA LYS A 98 2.81 -3.61 -22.75
C LYS A 98 4.25 -3.20 -22.58
N THR A 99 4.47 -2.07 -21.89
CA THR A 99 5.81 -1.53 -21.68
C THR A 99 6.03 -1.33 -20.18
N ILE A 100 7.27 -1.56 -19.75
CA ILE A 100 7.65 -1.37 -18.35
C ILE A 100 9.07 -0.83 -18.33
N SER A 101 9.35 -0.01 -17.34
CA SER A 101 10.67 0.58 -17.16
C SER A 101 10.80 1.03 -15.71
N LYS A 102 12.01 1.41 -15.34
CA LYS A 102 12.23 1.98 -14.02
C LYS A 102 11.58 3.36 -13.95
N ALA A 103 10.99 3.66 -12.80
CA ALA A 103 10.33 4.94 -12.61
C ALA A 103 11.24 6.08 -13.06
N LYS A 104 10.65 7.04 -13.76
CA LYS A 104 11.41 8.16 -14.29
C LYS A 104 11.59 9.19 -13.19
N GLY A 105 12.76 9.83 -13.18
CA GLY A 105 13.06 10.82 -12.17
C GLY A 105 14.45 10.64 -11.57
N GLN A 106 14.98 11.72 -11.03
CA GLN A 106 16.33 11.73 -10.48
C GLN A 106 16.37 10.85 -9.22
N PRO A 107 17.19 9.80 -9.18
CA PRO A 107 17.28 8.99 -7.96
C PRO A 107 17.81 9.77 -6.77
N ARG A 108 17.36 9.39 -5.57
CA ARG A 108 17.79 10.03 -4.32
C ARG A 108 18.20 8.98 -3.30
N GLU A 109 19.16 9.36 -2.45
CA GLU A 109 19.77 8.43 -1.52
C GLU A 109 18.87 8.23 -0.30
N PRO A 110 18.53 6.98 0.06
CA PRO A 110 17.78 6.76 1.31
C PRO A 110 18.56 7.21 2.53
N GLN A 111 17.84 7.86 3.45
CA GLN A 111 18.33 8.13 4.79
C GLN A 111 17.75 7.08 5.74
N VAL A 112 18.62 6.42 6.49
CA VAL A 112 18.21 5.29 7.33
C VAL A 112 18.45 5.68 8.78
N TYR A 113 17.38 5.66 9.58
CA TYR A 113 17.44 5.97 11.00
C TYR A 113 16.77 4.86 11.77
N THR A 114 17.46 4.34 12.78
CA THR A 114 16.91 3.32 13.66
C THR A 114 16.39 3.97 14.93
N LEU A 115 15.16 3.59 15.33
CA LEU A 115 14.52 4.15 16.49
C LEU A 115 14.27 3.07 17.54
N PRO A 116 14.69 3.26 18.78
CA PRO A 116 14.43 2.25 19.82
C PRO A 116 12.97 2.27 20.23
N PRO A 117 12.53 1.30 21.03
CA PRO A 117 11.13 1.28 21.47
C PRO A 117 10.82 2.38 22.48
N SER A 118 9.60 2.90 22.40
CA SER A 118 9.09 3.78 23.45
C SER A 118 9.15 3.07 24.80
N ARG A 119 9.40 3.84 25.86
CA ARG A 119 9.46 3.22 27.18
C ARG A 119 8.11 2.64 27.59
N ASP A 120 7.01 3.12 27.01
CA ASP A 120 5.71 2.53 27.29
C ASP A 120 5.67 1.05 26.90
N GLU A 121 6.39 0.67 25.84
CA GLU A 121 6.32 -0.69 25.33
C GLU A 121 7.10 -1.68 26.18
N LEU A 122 7.89 -1.21 27.15
CA LEU A 122 8.70 -2.12 27.95
C LEU A 122 7.88 -2.95 28.92
N THR A 123 6.64 -2.57 29.19
CA THR A 123 5.75 -3.39 30.00
C THR A 123 5.13 -4.54 29.21
N LYS A 124 5.65 -4.81 28.02
CA LYS A 124 5.18 -5.90 27.19
C LYS A 124 6.22 -7.02 27.18
N ASN A 125 5.79 -8.20 26.73
CA ASN A 125 6.70 -9.33 26.62
C ASN A 125 7.63 -9.19 25.42
N GLN A 126 7.25 -8.39 24.42
CA GLN A 126 8.06 -8.20 23.23
C GLN A 126 8.08 -6.72 22.88
N VAL A 127 9.16 -6.29 22.24
CA VAL A 127 9.35 -4.88 21.90
C VAL A 127 9.53 -4.75 20.38
N SER A 128 9.29 -3.53 19.90
CA SER A 128 9.29 -3.22 18.48
C SER A 128 10.48 -2.31 18.17
N LEU A 129 11.38 -2.79 17.32
CA LEU A 129 12.50 -1.99 16.84
C LEU A 129 12.16 -1.44 15.46
N THR A 130 12.41 -0.16 15.26
CA THR A 130 11.95 0.57 14.08
C THR A 130 13.12 1.02 13.21
N CYS A 131 12.95 0.85 11.91
CA CYS A 131 13.90 1.34 10.92
C CYS A 131 13.17 2.28 9.99
N LEU A 132 13.49 3.57 10.07
CA LEU A 132 12.91 4.59 9.20
C LEU A 132 13.83 4.81 8.01
N VAL A 133 13.28 4.63 6.81
CA VAL A 133 13.99 4.87 5.56
C VAL A 133 13.20 5.93 4.83
N LYS A 134 13.78 7.12 4.65
CA LYS A 134 13.08 8.23 4.03
C LYS A 134 13.95 8.90 2.98
N GLY A 135 13.29 9.68 2.13
CA GLY A 135 14.00 10.48 1.16
C GLY A 135 14.60 9.73 0.00
N PHE A 136 14.07 8.56 -0.35
CA PHE A 136 14.64 7.76 -1.42
C PHE A 136 13.76 7.78 -2.67
N TYR A 137 14.41 7.66 -3.82
CA TYR A 137 13.74 7.60 -5.12
C TYR A 137 14.66 6.85 -6.09
N PRO A 138 14.11 5.96 -6.94
CA PRO A 138 12.69 5.55 -7.02
C PRO A 138 12.28 4.67 -5.84
N SER A 139 11.03 4.20 -5.82
CA SER A 139 10.49 3.50 -4.66
C SER A 139 10.98 2.06 -4.55
N ASP A 140 11.62 1.52 -5.58
CA ASP A 140 12.17 0.17 -5.50
C ASP A 140 13.23 0.11 -4.43
N ILE A 141 13.06 -0.81 -3.48
CA ILE A 141 13.94 -0.90 -2.31
C ILE A 141 13.73 -2.24 -1.65
N ALA A 142 14.72 -2.69 -0.89
CA ALA A 142 14.62 -3.90 -0.09
C ALA A 142 15.14 -3.60 1.31
N VAL A 143 14.47 -4.15 2.32
CA VAL A 143 14.82 -3.92 3.71
C VAL A 143 14.86 -5.27 4.42
N GLU A 144 15.92 -5.51 5.19
CA GLU A 144 16.07 -6.74 5.94
C GLU A 144 16.60 -6.43 7.33
N TRP A 145 16.40 -7.36 8.24
CA TRP A 145 16.89 -7.25 9.60
C TRP A 145 17.79 -8.45 9.92
N GLU A 146 18.77 -8.20 10.79
CA GLU A 146 19.66 -9.26 11.22
C GLU A 146 20.29 -8.86 12.55
N SER A 147 20.88 -9.85 13.22
CA SER A 147 21.62 -9.64 14.45
C SER A 147 22.72 -10.69 14.54
N ASN A 148 23.93 -10.24 14.84
CA ASN A 148 25.09 -11.14 14.94
C ASN A 148 25.20 -12.04 13.70
N GLY A 149 25.04 -11.43 12.53
CA GLY A 149 25.24 -12.11 11.26
C GLY A 149 24.07 -12.93 10.75
N GLN A 150 23.13 -13.36 11.62
CA GLN A 150 22.04 -14.20 11.16
C GLN A 150 20.77 -13.39 10.96
N PRO A 151 19.86 -13.84 10.10
CA PRO A 151 18.66 -13.05 9.82
C PRO A 151 17.64 -13.11 10.94
N GLU A 152 16.98 -11.98 11.17
CA GLU A 152 15.78 -11.92 12.00
C GLU A 152 14.57 -12.08 11.09
N ASN A 153 13.66 -12.99 11.45
CA ASN A 153 12.51 -13.28 10.60
C ASN A 153 11.23 -12.57 11.02
N ASN A 154 11.08 -12.24 12.30
CA ASN A 154 9.84 -11.65 12.80
C ASN A 154 9.85 -10.14 12.62
N TYR A 155 9.74 -9.72 11.36
CA TYR A 155 9.68 -8.30 11.03
C TYR A 155 8.71 -8.08 9.87
N LYS A 156 8.19 -6.86 9.80
CA LYS A 156 7.29 -6.43 8.74
C LYS A 156 7.71 -5.04 8.29
N THR A 157 7.54 -4.78 6.99
CA THR A 157 7.95 -3.52 6.39
C THR A 157 6.75 -2.93 5.65
N THR A 158 6.48 -1.66 5.90
CA THR A 158 5.38 -0.99 5.22
C THR A 158 5.72 -0.85 3.74
N PRO A 159 4.72 -0.70 2.87
CA PRO A 159 5.00 -0.35 1.49
C PRO A 159 5.61 1.03 1.42
N PRO A 160 6.30 1.37 0.34
CA PRO A 160 6.78 2.75 0.18
C PRO A 160 5.61 3.73 0.13
N VAL A 161 5.78 4.87 0.79
CA VAL A 161 4.77 5.92 0.83
C VAL A 161 5.35 7.18 0.22
N LEU A 162 4.60 7.79 -0.70
CA LEU A 162 5.03 9.04 -1.32
C LEU A 162 5.03 10.16 -0.29
N ASP A 163 6.18 10.80 -0.10
CA ASP A 163 6.29 11.89 0.86
C ASP A 163 5.93 13.20 0.17
N SER A 164 5.86 14.27 0.97
CA SER A 164 5.37 15.56 0.45
C SER A 164 6.33 16.17 -0.56
N ASP A 165 7.61 15.83 -0.52
CA ASP A 165 8.61 16.40 -1.42
C ASP A 165 8.88 15.53 -2.65
N GLY A 166 8.03 14.55 -2.94
CA GLY A 166 8.21 13.70 -4.10
C GLY A 166 9.10 12.49 -3.88
N SER A 167 9.83 12.43 -2.77
CA SER A 167 10.59 11.25 -2.41
C SER A 167 9.67 10.25 -1.69
N PHE A 168 10.23 9.09 -1.34
CA PHE A 168 9.50 8.03 -0.66
C PHE A 168 10.09 7.77 0.72
N PHE A 169 9.25 7.22 1.59
CA PHE A 169 9.70 6.73 2.89
C PHE A 169 8.97 5.43 3.19
N LEU A 170 9.54 4.68 4.12
CA LEU A 170 8.87 3.52 4.67
C LEU A 170 9.38 3.31 6.09
N TYR A 171 8.69 2.43 6.81
CA TYR A 171 9.14 1.96 8.12
C TYR A 171 9.23 0.45 8.08
N SER A 172 10.20 -0.10 8.81
CA SER A 172 10.29 -1.52 9.03
C SER A 172 10.30 -1.78 10.53
N LYS A 173 9.48 -2.72 10.96
CA LYS A 173 9.30 -3.03 12.38
C LYS A 173 9.82 -4.43 12.65
N LEU A 174 10.82 -4.52 13.51
CA LEU A 174 11.34 -5.81 13.97
C LEU A 174 10.83 -6.05 15.39
N THR A 175 10.21 -7.22 15.58
CA THR A 175 9.65 -7.60 16.87
C THR A 175 10.56 -8.65 17.49
N VAL A 176 11.07 -8.36 18.69
CA VAL A 176 11.93 -9.29 19.41
C VAL A 176 11.39 -9.44 20.83
N ASP A 177 11.72 -10.57 21.44
CA ASP A 177 11.39 -10.76 22.84
C ASP A 177 12.10 -9.70 23.68
N LYS A 178 11.35 -9.08 24.60
CA LYS A 178 11.89 -8.01 25.42
C LYS A 178 13.19 -8.43 26.11
N SER A 179 13.37 -9.74 26.33
CA SER A 179 14.57 -10.22 27.00
C SER A 179 15.82 -9.97 26.17
N ARG A 180 15.69 -9.99 24.84
CA ARG A 180 16.85 -9.80 23.97
C ARG A 180 17.28 -8.33 23.94
N TRP A 181 16.33 -7.41 23.89
CA TRP A 181 16.66 -5.99 23.89
C TRP A 181 17.28 -5.56 25.22
N GLN A 182 16.76 -6.11 26.33
CA GLN A 182 17.28 -5.74 27.65
C GLN A 182 18.72 -6.23 27.84
N GLN A 183 19.05 -7.41 27.29
CA GLN A 183 20.39 -7.95 27.45
C GLN A 183 21.45 -7.02 26.86
N GLY A 184 21.09 -6.25 25.84
CA GLY A 184 22.03 -5.38 25.16
C GLY A 184 22.40 -5.82 23.76
N ASN A 185 21.69 -6.78 23.19
CA ASN A 185 22.01 -7.28 21.85
C ASN A 185 21.93 -6.16 20.82
N VAL A 186 22.74 -6.29 19.78
CA VAL A 186 22.79 -5.33 18.69
C VAL A 186 21.99 -5.87 17.51
N PHE A 187 21.11 -5.06 16.96
CA PHE A 187 20.30 -5.41 15.80
C PHE A 187 20.60 -4.44 14.68
N SER A 188 20.53 -4.92 13.44
CA SER A 188 20.95 -4.17 12.27
C SER A 188 19.84 -4.14 11.24
N CYS A 189 19.58 -2.94 10.70
CA CYS A 189 18.64 -2.75 9.61
C CYS A 189 19.41 -2.64 8.30
N SER A 190 19.17 -3.56 7.37
CA SER A 190 19.83 -3.58 6.07
C SER A 190 18.91 -2.99 5.02
N VAL A 191 19.45 -2.12 4.16
CA VAL A 191 18.69 -1.45 3.12
C VAL A 191 19.47 -1.55 1.81
N MET A 192 18.80 -1.97 0.74
CA MET A 192 19.37 -1.98 -0.60
C MET A 192 18.60 -1.04 -1.49
N HIS A 193 19.32 -0.15 -2.17
CA HIS A 193 18.71 0.86 -3.02
C HIS A 193 19.76 1.34 -4.01
N GLU A 194 19.32 1.70 -5.21
CA GLU A 194 20.26 2.00 -6.29
C GLU A 194 21.12 3.22 -5.97
N ALA A 195 20.62 4.13 -5.13
CA ALA A 195 21.31 5.36 -4.80
C ALA A 195 22.27 5.21 -3.63
N LEU A 196 22.46 3.99 -3.12
CA LEU A 196 23.44 3.73 -2.07
C LEU A 196 24.77 3.27 -2.65
N HIS A 197 25.85 3.60 -1.95
CA HIS A 197 27.16 3.06 -2.28
C HIS A 197 27.15 1.54 -2.12
N ASN A 198 27.62 0.82 -3.14
CA ASN A 198 27.47 -0.63 -3.23
C ASN A 198 26.01 -1.04 -3.14
N HIS A 199 25.09 -0.11 -3.39
CA HIS A 199 23.65 -0.39 -3.34
C HIS A 199 23.22 -0.94 -1.98
N TYR A 200 23.94 -0.58 -0.92
CA TYR A 200 23.71 -1.22 0.38
C TYR A 200 24.20 -0.31 1.49
N THR A 201 23.40 -0.19 2.55
CA THR A 201 23.85 0.44 3.79
C THR A 201 23.29 -0.36 4.95
N GLN A 202 23.87 -0.15 6.12
CA GLN A 202 23.52 -0.89 7.33
C GLN A 202 23.56 0.07 8.52
N LYS A 203 22.48 0.08 9.29
CA LYS A 203 22.39 0.90 10.49
C LYS A 203 22.01 0.01 11.66
N SER A 204 22.79 0.07 12.73
CA SER A 204 22.62 -0.82 13.88
C SER A 204 21.81 -0.12 14.96
N LEU A 205 21.33 -0.92 15.90
CA LEU A 205 20.42 -0.44 16.95
C LEU A 205 20.60 -1.29 18.20
N SER A 206 20.91 -0.65 19.31
CA SER A 206 21.06 -1.35 20.58
C SER A 206 20.74 -0.37 21.71
N LEU A 207 20.58 -0.92 22.91
CA LEU A 207 20.22 -0.11 24.07
C LEU A 207 21.34 0.87 24.41
N GLY B 1 -20.05 -4.32 -21.11
CA GLY B 1 -21.04 -3.63 -20.30
C GLY B 1 -20.45 -2.89 -19.10
N PRO B 2 -21.27 -2.12 -18.40
CA PRO B 2 -20.76 -1.33 -17.27
C PRO B 2 -20.24 -2.22 -16.14
N SER B 3 -19.50 -1.59 -15.24
CA SER B 3 -18.97 -2.24 -14.05
C SER B 3 -19.37 -1.43 -12.81
N VAL B 4 -19.41 -2.11 -11.66
CA VAL B 4 -19.86 -1.52 -10.41
C VAL B 4 -18.78 -1.74 -9.35
N PHE B 5 -18.53 -0.69 -8.56
CA PHE B 5 -17.57 -0.73 -7.46
C PHE B 5 -18.23 -0.12 -6.23
N LEU B 6 -18.12 -0.82 -5.09
CA LEU B 6 -18.79 -0.43 -3.86
C LEU B 6 -17.74 -0.16 -2.79
N PHE B 7 -17.73 1.07 -2.25
CA PHE B 7 -16.71 1.53 -1.30
C PHE B 7 -17.29 1.75 0.09
N PRO B 8 -16.55 1.39 1.14
CA PRO B 8 -17.05 1.55 2.50
C PRO B 8 -16.97 3.00 2.94
N PRO B 9 -17.50 3.33 4.12
CA PRO B 9 -17.35 4.68 4.66
C PRO B 9 -15.93 4.95 5.14
N LYS B 10 -15.63 6.22 5.33
CA LYS B 10 -14.34 6.60 5.90
C LYS B 10 -14.29 6.15 7.35
N PRO B 11 -13.15 5.62 7.82
CA PRO B 11 -13.08 5.20 9.23
C PRO B 11 -13.53 6.28 10.20
N LYS B 12 -13.16 7.54 9.93
CA LYS B 12 -13.49 8.63 10.85
C LYS B 12 -14.99 8.89 10.92
N ASP B 13 -15.70 8.67 9.81
CA ASP B 13 -17.12 9.01 9.77
C ASP B 13 -17.94 8.06 10.64
N THR B 14 -17.58 6.77 10.64
CA THR B 14 -18.31 5.78 11.43
C THR B 14 -18.02 5.91 12.92
N LEU B 15 -16.93 6.56 13.30
CA LEU B 15 -16.47 6.59 14.68
C LEU B 15 -16.89 7.85 15.43
N MET B 16 -17.33 8.89 14.74
CA MET B 16 -17.74 10.13 15.36
C MET B 16 -19.20 10.40 15.02
N ILE B 17 -20.04 10.54 16.04
CA ILE B 17 -21.47 10.69 15.82
C ILE B 17 -21.79 11.97 15.07
N SER B 18 -20.91 12.97 15.14
CA SER B 18 -21.16 14.23 14.45
C SER B 18 -21.08 14.09 12.93
N ARG B 19 -20.29 13.12 12.45
CA ARG B 19 -20.09 12.97 11.01
C ARG B 19 -21.09 11.99 10.41
N THR B 20 -21.18 11.99 9.09
CA THR B 20 -22.16 11.19 8.36
C THR B 20 -21.43 10.15 7.51
N PRO B 21 -21.35 8.90 7.95
CA PRO B 21 -20.70 7.86 7.12
C PRO B 21 -21.60 7.39 6.00
N GLU B 22 -20.96 7.06 4.87
CA GLU B 22 -21.68 6.69 3.67
C GLU B 22 -20.93 5.59 2.91
N VAL B 23 -21.69 4.69 2.30
CA VAL B 23 -21.15 3.73 1.33
C VAL B 23 -21.46 4.26 -0.06
N THR B 24 -20.50 4.14 -0.97
CA THR B 24 -20.57 4.77 -2.27
C THR B 24 -20.52 3.70 -3.36
N CYS B 25 -21.51 3.72 -4.24
CA CYS B 25 -21.63 2.78 -5.34
C CYS B 25 -21.30 3.51 -6.64
N VAL B 26 -20.17 3.16 -7.24
CA VAL B 26 -19.67 3.85 -8.44
C VAL B 26 -19.87 2.94 -9.64
N VAL B 27 -20.49 3.47 -10.69
CA VAL B 27 -20.68 2.77 -11.94
C VAL B 27 -19.86 3.48 -13.00
N VAL B 28 -18.93 2.75 -13.63
CA VAL B 28 -18.09 3.31 -14.67
C VAL B 28 -18.43 2.66 -16.00
N ASP B 29 -17.96 3.27 -17.08
CA ASP B 29 -18.19 2.76 -18.44
C ASP B 29 -19.68 2.69 -18.75
N VAL B 30 -20.39 3.77 -18.43
CA VAL B 30 -21.78 3.94 -18.85
C VAL B 30 -21.74 4.72 -20.16
N SER B 31 -22.23 4.11 -21.23
CA SER B 31 -22.06 4.66 -22.56
C SER B 31 -23.11 5.72 -22.86
N HIS B 32 -22.79 6.56 -23.85
CA HIS B 32 -23.78 7.53 -24.33
C HIS B 32 -24.99 6.82 -24.91
N GLU B 33 -24.78 5.66 -25.56
CA GLU B 33 -25.87 4.96 -26.23
C GLU B 33 -26.96 4.55 -25.25
N ASP B 34 -26.59 4.15 -24.04
CA ASP B 34 -27.54 3.70 -23.02
C ASP B 34 -27.16 4.34 -21.68
N PRO B 35 -27.67 5.53 -21.39
CA PRO B 35 -27.28 6.24 -20.17
C PRO B 35 -28.13 5.99 -18.93
N GLU B 36 -29.24 5.25 -19.04
CA GLU B 36 -30.15 5.06 -17.91
C GLU B 36 -29.59 4.03 -16.93
N VAL B 37 -29.47 4.42 -15.66
CA VAL B 37 -28.96 3.57 -14.59
C VAL B 37 -29.91 3.67 -13.40
N LYS B 38 -30.10 2.55 -12.69
CA LYS B 38 -30.95 2.51 -11.51
C LYS B 38 -30.21 1.82 -10.37
N PHE B 39 -30.59 2.17 -9.14
CA PHE B 39 -29.95 1.66 -7.92
C PHE B 39 -31.01 1.17 -6.95
N ASN B 40 -30.83 -0.06 -6.45
CA ASN B 40 -31.61 -0.57 -5.32
C ASN B 40 -30.65 -0.86 -4.18
N TRP B 41 -30.97 -0.34 -2.99
CA TRP B 41 -30.14 -0.54 -1.81
C TRP B 41 -30.84 -1.45 -0.81
N TYR B 42 -30.04 -2.26 -0.12
CA TYR B 42 -30.54 -3.19 0.89
C TYR B 42 -29.60 -3.18 2.08
N VAL B 43 -30.17 -3.30 3.28
CA VAL B 43 -29.41 -3.39 4.51
C VAL B 43 -29.75 -4.75 5.13
N ASP B 44 -28.80 -5.70 5.05
CA ASP B 44 -29.03 -7.07 5.51
C ASP B 44 -30.22 -7.70 4.79
N GLY B 45 -30.37 -7.38 3.49
CA GLY B 45 -31.45 -7.90 2.68
C GLY B 45 -32.74 -7.12 2.77
N VAL B 46 -32.86 -6.17 3.70
CA VAL B 46 -34.05 -5.35 3.84
C VAL B 46 -33.86 -4.11 2.99
N GLU B 47 -34.70 -3.95 1.97
CA GLU B 47 -34.58 -2.82 1.07
C GLU B 47 -34.86 -1.52 1.82
N VAL B 48 -33.95 -0.56 1.68
CA VAL B 48 -34.13 0.77 2.23
C VAL B 48 -34.26 1.75 1.07
N HIS B 49 -34.83 2.92 1.35
CA HIS B 49 -35.12 3.90 0.32
C HIS B 49 -34.57 5.28 0.65
N ASN B 50 -33.70 5.39 1.66
CA ASN B 50 -33.11 6.67 2.01
C ASN B 50 -31.83 6.96 1.22
N ALA B 51 -31.48 6.11 0.25
CA ALA B 51 -30.32 6.40 -0.57
C ALA B 51 -30.57 7.66 -1.41
N LYS B 52 -29.50 8.23 -1.95
CA LYS B 52 -29.61 9.45 -2.74
C LYS B 52 -28.64 9.36 -3.90
N THR B 53 -29.14 9.18 -5.11
CA THR B 53 -28.27 9.09 -6.27
C THR B 53 -27.82 10.49 -6.67
N LYS B 54 -26.48 10.68 -6.77
CA LYS B 54 -25.97 11.98 -7.18
C LYS B 54 -25.51 11.95 -8.64
N PRO B 55 -26.01 12.85 -9.50
CA PRO B 55 -25.53 12.97 -10.89
C PRO B 55 -24.30 13.88 -10.96
N ARG B 56 -23.39 13.81 -11.94
CA ARG B 56 -23.25 12.82 -13.01
C ARG B 56 -22.12 13.36 -13.89
N GLU B 57 -21.04 12.61 -14.08
CA GLU B 57 -19.83 13.14 -14.72
C GLU B 57 -19.47 12.30 -15.93
N GLU B 58 -19.46 12.92 -17.10
CA GLU B 58 -18.92 12.28 -18.30
C GLU B 58 -17.40 12.36 -18.27
N GLN B 59 -16.75 11.30 -18.74
CA GLN B 59 -15.33 11.10 -18.48
C GLN B 59 -14.48 11.54 -19.67
N TYR B 60 -13.17 11.57 -19.42
CA TYR B 60 -12.16 11.92 -20.41
C TYR B 60 -12.08 10.94 -21.57
N ASN B 61 -12.86 9.86 -21.54
CA ASN B 61 -12.82 8.81 -22.55
C ASN B 61 -14.22 8.46 -23.04
N SER B 62 -15.14 9.42 -23.03
CA SER B 62 -16.48 9.29 -23.60
C SER B 62 -17.36 8.33 -22.81
N THR B 63 -17.08 8.13 -21.52
CA THR B 63 -17.88 7.23 -20.68
C THR B 63 -18.59 8.01 -19.58
N VAL B 66 -21.66 7.47 -13.02
CA VAL B 66 -22.85 7.56 -12.18
C VAL B 66 -22.54 7.04 -10.79
N VAL B 67 -22.89 7.82 -9.76
CA VAL B 67 -22.60 7.49 -8.37
C VAL B 67 -23.88 7.54 -7.55
N SER B 68 -24.02 6.59 -6.63
CA SER B 68 -25.12 6.57 -5.67
C SER B 68 -24.55 6.44 -4.26
N VAL B 69 -25.08 7.26 -3.35
CA VAL B 69 -24.57 7.35 -1.98
C VAL B 69 -25.69 6.95 -1.02
N LEU B 70 -25.36 6.10 -0.05
CA LEU B 70 -26.30 5.68 0.99
C LEU B 70 -25.73 6.02 2.36
N THR B 71 -26.41 6.91 3.08
CA THR B 71 -26.06 7.17 4.47
C THR B 71 -26.42 5.95 5.33
N VAL B 72 -25.55 5.63 6.29
CA VAL B 72 -25.75 4.50 7.18
C VAL B 72 -25.64 4.99 8.62
N LEU B 73 -26.27 4.24 9.52
CA LEU B 73 -26.14 4.51 10.94
C LEU B 73 -24.78 4.02 11.42
N HIS B 74 -24.13 4.84 12.26
CA HIS B 74 -22.79 4.50 12.73
C HIS B 74 -22.75 3.10 13.32
N GLN B 75 -23.75 2.74 14.14
CA GLN B 75 -23.71 1.46 14.82
C GLN B 75 -24.12 0.31 13.89
N ASP B 76 -24.94 0.58 12.88
CA ASP B 76 -25.25 -0.46 11.89
C ASP B 76 -23.98 -0.94 11.21
N TRP B 77 -23.14 -0.01 10.73
CA TRP B 77 -21.89 -0.40 10.09
C TRP B 77 -20.97 -1.11 11.07
N LEU B 78 -20.82 -0.56 12.28
CA LEU B 78 -19.89 -1.14 13.25
C LEU B 78 -20.37 -2.51 13.73
N ASN B 79 -21.69 -2.75 13.72
CA ASN B 79 -22.22 -4.07 14.05
C ASN B 79 -22.11 -5.05 12.89
N GLY B 80 -21.60 -4.61 11.74
CA GLY B 80 -21.32 -5.53 10.65
C GLY B 80 -22.47 -5.81 9.71
N LYS B 81 -23.49 -4.96 9.67
CA LYS B 81 -24.61 -5.18 8.76
C LYS B 81 -24.13 -5.12 7.31
N GLU B 82 -24.80 -5.88 6.45
CA GLU B 82 -24.45 -5.92 5.04
C GLU B 82 -25.19 -4.81 4.28
N TYR B 83 -24.47 -4.19 3.34
CA TYR B 83 -25.03 -3.13 2.51
C TYR B 83 -24.90 -3.55 1.05
N LYS B 84 -26.03 -3.66 0.36
CA LYS B 84 -26.10 -4.20 -0.98
C LYS B 84 -26.49 -3.10 -1.96
N CYS B 85 -25.71 -2.95 -3.02
CA CYS B 85 -26.01 -2.01 -4.11
C CYS B 85 -26.33 -2.81 -5.36
N ALA B 86 -27.60 -2.83 -5.74
CA ALA B 86 -28.05 -3.50 -6.96
C ALA B 86 -28.19 -2.46 -8.06
N VAL B 87 -27.45 -2.66 -9.15
CA VAL B 87 -27.41 -1.71 -10.26
C VAL B 87 -28.11 -2.35 -11.46
N SER B 88 -29.11 -1.65 -11.99
CA SER B 88 -29.83 -2.10 -13.17
C SER B 88 -29.53 -1.18 -14.34
N ASN B 89 -29.30 -1.79 -15.51
CA ASN B 89 -28.99 -1.05 -16.73
C ASN B 89 -29.44 -1.87 -17.91
N LYS B 90 -30.20 -1.24 -18.82
CA LYS B 90 -30.75 -1.95 -19.97
C LYS B 90 -29.66 -2.49 -20.90
N ALA B 91 -28.42 -2.00 -20.78
CA ALA B 91 -27.30 -2.51 -21.57
C ALA B 91 -26.50 -3.56 -20.82
N LEU B 92 -27.13 -4.26 -19.87
CA LEU B 92 -26.49 -5.33 -19.13
C LEU B 92 -27.25 -6.64 -19.37
N PRO B 93 -26.55 -7.78 -19.45
CA PRO B 93 -27.26 -9.06 -19.58
C PRO B 93 -28.13 -9.37 -18.39
N ALA B 94 -27.82 -8.82 -17.22
CA ALA B 94 -28.60 -8.97 -16.00
C ALA B 94 -28.04 -8.01 -14.96
N PRO B 95 -28.85 -7.50 -14.04
CA PRO B 95 -28.34 -6.52 -13.08
C PRO B 95 -27.11 -7.03 -12.36
N ILE B 96 -26.25 -6.10 -11.94
CA ILE B 96 -25.04 -6.40 -11.18
C ILE B 96 -25.28 -5.98 -9.74
N GLU B 97 -25.02 -6.89 -8.80
CA GLU B 97 -25.17 -6.61 -7.39
C GLU B 97 -23.82 -6.81 -6.70
N LYS B 98 -23.49 -5.89 -5.81
CA LYS B 98 -22.28 -5.99 -4.99
C LYS B 98 -22.65 -5.77 -3.53
N THR B 99 -21.94 -6.46 -2.65
CA THR B 99 -22.18 -6.37 -1.22
C THR B 99 -20.89 -5.98 -0.50
N ILE B 100 -21.03 -5.20 0.57
CA ILE B 100 -19.91 -4.75 1.37
C ILE B 100 -20.34 -4.72 2.83
N SER B 101 -19.37 -4.96 3.73
CA SER B 101 -19.63 -4.94 5.15
C SER B 101 -18.31 -4.68 5.86
N LYS B 102 -18.40 -4.40 7.17
CA LYS B 102 -17.20 -4.23 7.97
C LYS B 102 -16.48 -5.56 8.15
N ALA B 103 -15.15 -5.50 8.15
CA ALA B 103 -14.35 -6.69 8.41
C ALA B 103 -14.82 -7.39 9.68
N LYS B 104 -14.94 -8.71 9.61
CA LYS B 104 -15.42 -9.54 10.71
C LYS B 104 -14.28 -9.92 11.65
N GLY B 105 -14.60 -9.99 12.94
CA GLY B 105 -13.63 -10.35 13.94
C GLY B 105 -13.64 -9.47 15.16
N GLN B 106 -13.08 -9.98 16.26
CA GLN B 106 -13.03 -9.23 17.50
C GLN B 106 -12.19 -7.97 17.32
N PRO B 107 -12.77 -6.78 17.47
CA PRO B 107 -11.94 -5.57 17.37
C PRO B 107 -10.90 -5.57 18.47
N ARG B 108 -9.71 -5.06 18.14
CA ARG B 108 -8.60 -5.00 19.07
C ARG B 108 -8.11 -3.58 19.25
N GLU B 109 -7.61 -3.29 20.42
CA GLU B 109 -7.27 -1.91 20.79
C GLU B 109 -5.89 -1.53 20.24
N PRO B 110 -5.79 -0.41 19.52
CA PRO B 110 -4.46 0.06 19.09
C PRO B 110 -3.57 0.38 20.28
N GLN B 111 -2.31 -0.02 20.17
CA GLN B 111 -1.26 0.46 21.06
C GLN B 111 -0.53 1.58 20.34
N VAL B 112 -0.44 2.74 20.99
CA VAL B 112 0.08 3.94 20.35
C VAL B 112 1.34 4.35 21.08
N TYR B 113 2.45 4.43 20.33
CA TYR B 113 3.75 4.83 20.86
C TYR B 113 4.32 5.93 19.99
N THR B 114 4.75 7.02 20.61
CA THR B 114 5.43 8.09 19.91
C THR B 114 6.93 7.90 20.11
N LEU B 115 7.68 7.99 19.01
CA LEU B 115 9.12 7.77 19.02
C LEU B 115 9.82 9.07 18.63
N PRO B 116 10.79 9.54 19.40
CA PRO B 116 11.49 10.78 19.04
C PRO B 116 12.39 10.58 17.85
N PRO B 117 12.95 11.64 17.29
CA PRO B 117 13.85 11.47 16.14
C PRO B 117 15.14 10.79 16.55
N SER B 118 15.67 9.98 15.63
CA SER B 118 17.01 9.43 15.82
C SER B 118 18.00 10.57 16.00
N ARG B 119 19.01 10.34 16.85
CA ARG B 119 20.00 11.37 17.08
C ARG B 119 20.81 11.69 15.82
N ASP B 120 20.89 10.76 14.88
CA ASP B 120 21.53 11.04 13.59
C ASP B 120 20.80 12.14 12.83
N GLU B 121 19.47 12.20 12.94
CA GLU B 121 18.67 13.10 12.14
C GLU B 121 18.75 14.57 12.59
N LEU B 122 19.39 14.85 13.73
CA LEU B 122 19.42 16.22 14.23
C LEU B 122 20.33 17.11 13.42
N THR B 123 21.21 16.55 12.60
CA THR B 123 22.05 17.34 11.69
C THR B 123 21.30 17.77 10.43
N LYS B 124 19.97 17.65 10.42
CA LYS B 124 19.12 18.05 9.30
C LYS B 124 18.36 19.33 9.64
N ASN B 125 17.79 19.95 8.61
CA ASN B 125 16.97 21.14 8.81
C ASN B 125 15.61 20.82 9.39
N GLN B 126 15.13 19.59 9.20
CA GLN B 126 13.85 19.15 9.74
C GLN B 126 14.04 17.76 10.33
N VAL B 127 13.21 17.45 11.32
CA VAL B 127 13.29 16.18 12.04
C VAL B 127 11.97 15.45 11.89
N SER B 128 12.01 14.14 12.15
CA SER B 128 10.88 13.26 11.93
C SER B 128 10.35 12.77 13.27
N LEU B 129 9.09 13.09 13.56
CA LEU B 129 8.40 12.57 14.73
C LEU B 129 7.56 11.38 14.29
N THR B 130 7.67 10.27 15.02
CA THR B 130 7.11 9.00 14.59
C THR B 130 6.03 8.54 15.57
N CYS B 131 4.94 8.04 15.02
CA CYS B 131 3.84 7.47 15.81
C CYS B 131 3.62 6.03 15.36
N LEU B 132 3.92 5.08 16.24
CA LEU B 132 3.68 3.67 15.96
C LEU B 132 2.32 3.27 16.51
N VAL B 133 1.45 2.76 15.64
CA VAL B 133 0.14 2.25 16.01
C VAL B 133 0.11 0.79 15.60
N LYS B 134 0.06 -0.11 16.58
CA LYS B 134 0.10 -1.55 16.32
C LYS B 134 -0.93 -2.28 17.15
N GLY B 135 -1.19 -3.53 16.73
CA GLY B 135 -2.06 -4.42 17.47
C GLY B 135 -3.54 -4.12 17.34
N PHE B 136 -3.96 -3.42 16.28
CA PHE B 136 -5.35 -3.02 16.15
C PHE B 136 -6.05 -3.84 15.09
N TYR B 137 -7.35 -4.01 15.29
CA TYR B 137 -8.21 -4.73 14.35
C TYR B 137 -9.64 -4.20 14.48
N PRO B 138 -10.36 -4.04 13.36
CA PRO B 138 -9.95 -4.18 11.96
C PRO B 138 -9.05 -3.02 11.51
N SER B 139 -8.68 -3.01 10.23
CA SER B 139 -7.69 -2.06 9.73
C SER B 139 -8.24 -0.65 9.56
N ASP B 140 -9.56 -0.45 9.68
CA ASP B 140 -10.14 0.89 9.59
C ASP B 140 -9.62 1.76 10.73
N ILE B 141 -9.03 2.90 10.40
CA ILE B 141 -8.40 3.74 11.40
C ILE B 141 -8.12 5.11 10.80
N ALA B 142 -8.02 6.11 11.67
CA ALA B 142 -7.63 7.46 11.27
C ALA B 142 -6.57 7.96 12.24
N VAL B 143 -5.58 8.66 11.71
CA VAL B 143 -4.46 9.16 12.49
C VAL B 143 -4.26 10.64 12.15
N GLU B 144 -4.09 11.45 13.18
CA GLU B 144 -3.87 12.88 13.01
C GLU B 144 -2.77 13.33 13.96
N TRP B 145 -2.16 14.46 13.61
CA TRP B 145 -1.15 15.10 14.42
C TRP B 145 -1.59 16.51 14.76
N GLU B 146 -1.16 17.01 15.91
CA GLU B 146 -1.51 18.37 16.30
C GLU B 146 -0.47 18.86 17.30
N SER B 147 -0.48 20.18 17.52
CA SER B 147 0.39 20.80 18.49
C SER B 147 -0.34 22.00 19.07
N ASN B 148 -0.33 22.12 20.40
CA ASN B 148 -1.02 23.19 21.09
C ASN B 148 -2.45 23.34 20.57
N GLY B 149 -3.12 22.20 20.39
CA GLY B 149 -4.50 22.19 19.97
C GLY B 149 -4.72 22.35 18.50
N GLN B 150 -3.71 22.89 17.74
CA GLN B 150 -3.94 23.16 16.33
C GLN B 150 -3.38 22.02 15.47
N PRO B 151 -3.92 21.80 14.28
CA PRO B 151 -3.46 20.66 13.47
C PRO B 151 -2.11 20.90 12.83
N GLU B 152 -1.31 19.85 12.78
CA GLU B 152 -0.11 19.80 11.94
C GLU B 152 -0.47 19.20 10.59
N ASN B 153 -0.05 19.84 9.51
CA ASN B 153 -0.40 19.39 8.18
C ASN B 153 0.70 18.58 7.49
N ASN B 154 1.97 18.81 7.82
CA ASN B 154 3.08 18.15 7.11
C ASN B 154 3.39 16.79 7.73
N TYR B 155 2.46 15.85 7.51
CA TYR B 155 2.66 14.49 7.97
C TYR B 155 2.10 13.51 6.94
N LYS B 156 2.62 12.29 6.98
CA LYS B 156 2.17 11.22 6.12
C LYS B 156 2.03 9.97 6.96
N THR B 157 1.05 9.15 6.61
CA THR B 157 0.73 7.93 7.34
C THR B 157 0.77 6.74 6.38
N THR B 158 1.47 5.68 6.79
CA THR B 158 1.52 4.49 5.97
C THR B 158 0.16 3.80 5.97
N PRO B 159 -0.13 3.00 4.97
CA PRO B 159 -1.32 2.14 5.01
C PRO B 159 -1.20 1.14 6.15
N PRO B 160 -2.30 0.58 6.62
CA PRO B 160 -2.21 -0.53 7.59
C PRO B 160 -1.53 -1.74 6.97
N VAL B 161 -0.69 -2.39 7.76
CA VAL B 161 0.04 -3.58 7.33
C VAL B 161 -0.36 -4.74 8.23
N LEU B 162 -0.68 -5.87 7.62
CA LEU B 162 -1.04 -7.07 8.38
C LEU B 162 0.21 -7.61 9.08
N ASP B 163 0.13 -7.68 10.41
CA ASP B 163 1.23 -8.18 11.22
C ASP B 163 1.11 -9.69 11.38
N SER B 164 2.15 -10.29 11.99
CA SER B 164 2.23 -11.74 12.04
C SER B 164 1.14 -12.37 12.90
N ASP B 165 0.55 -11.64 13.84
CA ASP B 165 -0.46 -12.19 14.72
C ASP B 165 -1.89 -11.91 14.25
N GLY B 166 -2.07 -11.44 13.02
CA GLY B 166 -3.39 -11.16 12.49
C GLY B 166 -3.91 -9.77 12.77
N SER B 167 -3.25 -9.01 13.65
CA SER B 167 -3.59 -7.61 13.85
C SER B 167 -2.87 -6.75 12.80
N PHE B 168 -3.12 -5.45 12.82
CA PHE B 168 -2.53 -4.51 11.88
C PHE B 168 -1.65 -3.52 12.62
N PHE B 169 -0.71 -2.93 11.89
CA PHE B 169 0.07 -1.82 12.42
C PHE B 169 0.26 -0.78 11.32
N LEU B 170 0.62 0.43 11.73
CA LEU B 170 1.05 1.46 10.81
C LEU B 170 2.01 2.38 11.52
N TYR B 171 2.66 3.24 10.75
CA TYR B 171 3.46 4.33 11.26
C TYR B 171 2.94 5.64 10.68
N SER B 172 3.00 6.70 11.46
CA SER B 172 2.71 8.04 10.97
C SER B 172 3.91 8.92 11.24
N LYS B 173 4.34 9.67 10.22
CA LYS B 173 5.54 10.49 10.29
C LYS B 173 5.14 11.95 10.17
N LEU B 174 5.41 12.73 11.22
CA LEU B 174 5.21 14.17 11.21
C LEU B 174 6.57 14.86 11.08
N THR B 175 6.67 15.77 10.12
CA THR B 175 7.90 16.50 9.84
C THR B 175 7.74 17.93 10.34
N VAL B 176 8.64 18.34 11.23
CA VAL B 176 8.64 19.69 11.78
C VAL B 176 10.04 20.27 11.64
N ASP B 177 10.09 21.61 11.64
CA ASP B 177 11.38 22.29 11.63
C ASP B 177 12.15 21.91 12.88
N LYS B 178 13.43 21.57 12.70
CA LYS B 178 14.26 21.15 13.84
C LYS B 178 14.21 22.16 14.96
N SER B 179 13.96 23.43 14.65
CA SER B 179 13.90 24.46 15.68
C SER B 179 12.70 24.28 16.60
N ARG B 180 11.57 23.80 16.07
CA ARG B 180 10.40 23.58 16.90
C ARG B 180 10.62 22.43 17.88
N TRP B 181 11.26 21.36 17.41
CA TRP B 181 11.57 20.23 18.29
C TRP B 181 12.59 20.63 19.35
N GLN B 182 13.60 21.42 18.98
CA GLN B 182 14.63 21.82 19.92
C GLN B 182 14.07 22.74 21.00
N GLN B 183 13.12 23.61 20.64
CA GLN B 183 12.55 24.53 21.62
C GLN B 183 11.85 23.79 22.76
N GLY B 184 11.30 22.61 22.47
CA GLY B 184 10.57 21.85 23.46
C GLY B 184 9.07 21.78 23.23
N ASN B 185 8.59 22.17 22.04
CA ASN B 185 7.16 22.13 21.79
C ASN B 185 6.64 20.71 21.94
N VAL B 186 5.37 20.60 22.32
CA VAL B 186 4.72 19.30 22.52
C VAL B 186 3.89 18.99 21.28
N PHE B 187 4.07 17.80 20.75
CA PHE B 187 3.32 17.33 19.59
C PHE B 187 2.56 16.08 20.00
N SER B 188 1.37 15.92 19.42
CA SER B 188 0.45 14.85 19.83
C SER B 188 0.00 14.07 18.61
N CYS B 189 0.03 12.74 18.73
CA CYS B 189 -0.48 11.84 17.71
C CYS B 189 -1.87 11.39 18.14
N SER B 190 -2.87 11.70 17.33
CA SER B 190 -4.25 11.34 17.59
C SER B 190 -4.62 10.12 16.77
N VAL B 191 -5.31 9.16 17.41
CA VAL B 191 -5.70 7.92 16.77
C VAL B 191 -7.18 7.68 17.06
N MET B 192 -7.93 7.37 16.00
CA MET B 192 -9.35 7.05 16.10
C MET B 192 -9.57 5.62 15.66
N HIS B 193 -10.24 4.84 16.50
CA HIS B 193 -10.46 3.43 16.21
C HIS B 193 -11.61 2.94 17.08
N GLU B 194 -12.38 1.99 16.55
CA GLU B 194 -13.60 1.59 17.23
C GLU B 194 -13.32 0.90 18.57
N ALA B 195 -12.15 0.29 18.72
CA ALA B 195 -11.84 -0.47 19.93
C ALA B 195 -11.25 0.39 21.04
N LEU B 196 -11.11 1.69 20.82
CA LEU B 196 -10.65 2.61 21.83
C LEU B 196 -11.84 3.18 22.59
N HIS B 197 -11.61 3.46 23.87
CA HIS B 197 -12.63 4.16 24.63
C HIS B 197 -12.86 5.54 24.03
N ASN B 198 -14.12 5.88 23.80
CA ASN B 198 -14.51 7.08 23.06
C ASN B 198 -13.95 7.11 21.64
N HIS B 199 -13.56 5.94 21.11
CA HIS B 199 -13.05 5.82 19.75
C HIS B 199 -11.84 6.73 19.51
N TYR B 200 -11.10 7.06 20.57
CA TYR B 200 -10.07 8.09 20.44
C TYR B 200 -9.05 7.96 21.55
N THR B 201 -7.77 8.07 21.18
CA THR B 201 -6.70 8.19 22.15
C THR B 201 -5.69 9.20 21.61
N GLN B 202 -4.85 9.72 22.50
CA GLN B 202 -3.90 10.77 22.18
C GLN B 202 -2.61 10.49 22.91
N LYS B 203 -1.49 10.51 22.18
CA LYS B 203 -0.17 10.29 22.76
C LYS B 203 0.73 11.46 22.40
N SER B 204 1.37 12.03 23.41
CA SER B 204 2.17 13.23 23.23
C SER B 204 3.65 12.88 23.07
N LEU B 205 4.40 13.85 22.55
CA LEU B 205 5.81 13.67 22.25
C LEU B 205 6.49 15.03 22.35
N SER B 206 7.55 15.10 23.16
CA SER B 206 8.29 16.34 23.30
C SER B 206 9.74 16.02 23.66
N LEU B 207 10.59 17.03 23.55
CA LEU B 207 12.02 16.85 23.81
C LEU B 207 12.26 16.53 25.27
N SER B 208 13.04 15.49 25.52
CA SER B 208 13.36 15.06 26.89
C SER B 208 14.86 15.09 27.12
C1 NAG C . -8.42 -18.55 -15.60
C2 NAG C . -8.96 -17.13 -15.46
C3 NAG C . -7.81 -16.12 -15.36
C4 NAG C . -6.81 -16.55 -14.29
C5 NAG C . -6.37 -17.99 -14.52
C6 NAG C . -5.47 -18.51 -13.43
C7 NAG C . -11.15 -16.66 -16.47
C8 NAG C . -11.88 -16.31 -17.74
N2 NAG C . -9.84 -16.79 -16.57
O3 NAG C . -8.33 -14.84 -15.06
O4 NAG C . -5.67 -15.71 -14.34
O5 NAG C . -7.53 -18.84 -14.53
O6 NAG C . -6.14 -19.42 -12.58
O7 NAG C . -11.75 -16.82 -15.41
C1 NAG C . -5.47 -14.60 -13.81
C2 NAG C . -4.03 -14.30 -13.44
C3 NAG C . -3.97 -13.02 -12.59
C4 NAG C . -4.65 -11.88 -13.32
C5 NAG C . -6.08 -12.28 -13.71
C6 NAG C . -6.78 -11.24 -14.55
C7 NAG C . -2.26 -15.96 -13.10
C8 NAG C . -1.77 -17.10 -12.28
N2 NAG C . -3.41 -15.41 -12.74
O3 NAG C . -2.61 -12.70 -12.33
O4 NAG C . -4.69 -10.73 -12.49
O5 NAG C . -6.05 -13.49 -14.49
O6 NAG C . -8.19 -11.41 -14.51
O7 NAG C . -1.62 -15.54 -14.07
C1 BMA C . -3.59 -9.82 -12.42
C2 BMA C . -4.21 -8.43 -12.23
C3 BMA C . -3.09 -7.41 -11.99
C4 BMA C . -2.17 -7.87 -10.86
C5 BMA C . -1.61 -9.26 -11.18
C6 BMA C . -0.73 -9.81 -10.08
O2 BMA C . -5.05 -8.40 -11.08
O3 BMA C . -3.62 -6.11 -11.71
O4 BMA C . -1.10 -6.95 -10.70
O5 BMA C . -2.72 -10.16 -11.35
O6 BMA C . -0.29 -11.10 -10.45
C1 MAN C . 0.76 -11.66 -9.67
C2 MAN C . 1.24 -12.90 -10.43
C3 MAN C . 0.18 -14.01 -10.41
C4 MAN C . -0.37 -14.23 -8.98
C5 MAN C . -0.84 -12.88 -8.39
C6 MAN C . -1.31 -13.00 -6.95
O2 MAN C . 2.41 -13.46 -9.82
O3 MAN C . 0.67 -15.23 -10.95
O4 MAN C . -1.44 -15.14 -9.01
O5 MAN C . 0.25 -11.94 -8.40
O6 MAN C . -1.91 -11.76 -6.59
C1 NAG C . 3.58 -12.71 -10.06
C2 NAG C . 4.56 -12.75 -8.89
C3 NAG C . 5.90 -12.16 -9.31
C4 NAG C . 6.43 -12.84 -10.57
C5 NAG C . 5.36 -12.81 -11.66
C6 NAG C . 5.76 -13.57 -12.91
C7 NAG C . 3.62 -12.65 -6.62
C8 NAG C . 3.11 -11.75 -5.54
N2 NAG C . 4.03 -12.04 -7.74
O3 NAG C . 6.84 -12.33 -8.25
O4 NAG C . 7.60 -12.20 -11.04
O5 NAG C . 4.14 -13.41 -11.19
O6 NAG C . 5.10 -14.83 -12.99
O7 NAG C . 3.65 -13.87 -6.51
C1 MAN C . -3.19 -4.95 -12.46
C2 MAN C . -3.16 -3.70 -11.59
C3 MAN C . -4.56 -3.24 -11.27
C4 MAN C . -5.39 -3.09 -12.55
C5 MAN C . -5.37 -4.40 -13.35
C6 MAN C . -6.04 -4.29 -14.70
O2 MAN C . -2.53 -2.60 -12.28
O3 MAN C . -4.58 -2.03 -10.54
O4 MAN C . -6.72 -2.76 -12.23
O5 MAN C . -4.01 -4.80 -13.60
O6 MAN C . -6.15 -5.59 -15.26
C1 FUC C . -5.69 -19.96 -11.35
C2 FUC C . -5.10 -19.05 -10.26
C3 FUC C . -6.21 -18.26 -9.56
C4 FUC C . -7.24 -19.22 -9.00
C5 FUC C . -7.78 -20.11 -10.13
C6 FUC C . -8.71 -21.20 -9.62
O2 FUC C . -4.09 -18.19 -10.76
O3 FUC C . -5.68 -17.50 -8.47
O4 FUC C . -6.65 -20.02 -7.99
O5 FUC C . -6.71 -20.78 -10.85
C1 NAG D . -12.13 5.91 -18.50
C2 NAG D . -12.13 4.42 -18.23
C3 NAG D . -12.70 4.13 -16.85
C4 NAG D . -11.96 4.93 -15.79
C5 NAG D . -11.93 6.41 -16.15
C6 NAG D . -11.07 7.23 -15.22
C7 NAG D . -12.35 3.37 -20.44
C8 NAG D . -13.26 2.63 -21.37
N2 NAG D . -12.87 3.70 -19.25
O3 NAG D . -12.61 2.74 -16.57
O4 NAG D . -12.60 4.77 -14.53
O5 NAG D . -11.39 6.59 -17.48
O6 NAG D . -11.43 8.61 -15.25
O7 NAG D . -11.20 3.66 -20.74
C1 NAG D . -12.00 3.73 -13.76
C2 NAG D . -12.01 4.14 -12.29
C3 NAG D . -11.20 3.15 -11.46
C4 NAG D . -11.70 1.73 -11.70
C5 NAG D . -11.71 1.43 -13.19
C6 NAG D . -12.29 0.07 -13.52
C7 NAG D . -12.24 6.52 -11.72
C8 NAG D . -11.54 7.84 -11.60
N2 NAG D . -11.50 5.50 -12.13
O3 NAG D . -11.34 3.49 -10.08
O4 NAG D . -10.85 0.81 -11.03
O5 NAG D . -12.49 2.40 -13.88
O6 NAG D . -12.00 -0.31 -14.85
O7 NAG D . -13.44 6.40 -11.46
C1 BMA D . -11.08 0.26 -9.70
C2 BMA D . -10.54 -1.17 -9.54
C3 BMA D . -10.88 -1.70 -8.15
C4 BMA D . -10.56 -0.67 -7.03
C5 BMA D . -11.09 0.74 -7.38
C6 BMA D . -10.61 1.81 -6.41
O2 BMA D . -9.12 -1.18 -9.65
O3 BMA D . -10.19 -2.91 -7.89
O4 BMA D . -11.15 -1.11 -5.81
O5 BMA D . -10.62 1.09 -8.68
O6 BMA D . -11.35 3.00 -6.66
C1 MAN D . -11.12 4.13 -5.79
C2 MAN D . -12.10 5.23 -6.16
C3 MAN D . -11.73 5.85 -7.48
C4 MAN D . -10.30 6.30 -7.47
C5 MAN D . -9.41 5.16 -7.10
C6 MAN D . -7.99 5.65 -6.97
O2 MAN D . -12.04 6.25 -5.20
O3 MAN D . -12.50 7.03 -7.76
O4 MAN D . -9.96 6.79 -8.76
O5 MAN D . -9.81 4.66 -5.85
O6 MAN D . -7.13 4.54 -7.17
C1 NAG D . -12.77 5.91 -4.02
C2 NAG D . -11.98 6.53 -2.87
C3 NAG D . -12.76 6.50 -1.58
C4 NAG D . -14.09 7.15 -1.81
C5 NAG D . -14.79 6.41 -2.91
C6 NAG D . -16.20 6.96 -3.07
C7 NAG D . -9.62 6.50 -3.08
C8 NAG D . -8.33 5.79 -2.87
N2 NAG D . -10.71 5.88 -2.67
O3 NAG D . -12.04 7.24 -0.60
O4 NAG D . -14.86 7.10 -0.62
O5 NAG D . -14.03 6.53 -4.09
O6 NAG D . -16.34 7.75 -4.25
O7 NAG D . -9.68 7.57 -3.64
C1 MAN D . -10.81 -4.01 -7.46
C2 MAN D . -10.03 -4.57 -6.25
C3 MAN D . -8.82 -5.36 -6.74
C4 MAN D . -9.25 -6.41 -7.75
C5 MAN D . -9.96 -5.72 -8.92
C6 MAN D . -10.49 -6.68 -9.95
O2 MAN D . -10.84 -5.49 -5.51
O3 MAN D . -8.12 -5.98 -5.65
O4 MAN D . -8.11 -7.11 -8.22
O5 MAN D . -11.09 -4.98 -8.42
O6 MAN D . -11.03 -5.93 -11.02
C1 EDO E . -4.06 4.97 7.51
O1 EDO E . -3.26 4.89 6.32
C2 EDO E . -5.54 4.89 7.16
O2 EDO E . -5.84 3.60 6.61
#